data_8RF4
#
_entry.id   8RF4
#
_cell.length_a   36.958
_cell.length_b   36.958
_cell.length_c   141.538
_cell.angle_alpha   90.00
_cell.angle_beta   90.00
_cell.angle_gamma   90.00
#
_symmetry.space_group_name_H-M   'P 43 21 2'
#
loop_
_entity.id
_entity.type
_entity.pdbx_description
1 polymer 'Host translation inhibitor nsp1'
2 non-polymer 4-chloranyl-1~{H}-indazol-3-amine
3 water water
#
_entity_poly.entity_id   1
_entity_poly.type   'polypeptide(L)'
_entity_poly.pdbx_seq_one_letter_code
;MEKTHVQLSLPVLQVRDVLVRGFGDSVEEVLSEARQHLKDGTCGLVEVEKGVLPQLEQPYVFIKRSDARTAPHGHVMVEL
VAELEGIQYGRSGETLGVLVPHVGEIPVAYRKVLLRKN
;
_entity_poly.pdbx_strand_id   A
#
loop_
_chem_comp.id
_chem_comp.type
_chem_comp.name
_chem_comp.formula
EQT non-polymer 4-chloranyl-1~{H}-indazol-3-amine 'C7 H6 Cl N3'
#
# COMPACT_ATOMS: atom_id res chain seq x y z
N MET A 1 14.72 16.27 7.91
CA MET A 1 14.74 14.86 8.43
C MET A 1 13.32 14.31 8.36
N GLU A 2 13.18 13.02 8.64
CA GLU A 2 11.87 12.34 8.44
C GLU A 2 10.92 12.47 9.61
N LYS A 3 9.74 13.01 9.35
CA LYS A 3 8.67 13.01 10.38
C LYS A 3 8.18 11.56 10.48
N THR A 4 7.55 11.21 11.59
CA THR A 4 7.11 9.82 11.78
C THR A 4 6.00 9.46 10.79
N HIS A 5 5.18 10.43 10.39
CA HIS A 5 4.06 10.16 9.49
C HIS A 5 4.06 11.19 8.38
N VAL A 6 3.58 10.78 7.21
CA VAL A 6 3.46 11.68 6.06
C VAL A 6 2.08 11.55 5.44
N GLN A 7 1.52 12.70 5.08
CA GLN A 7 0.21 12.74 4.41
C GLN A 7 0.43 12.48 2.92
N LEU A 8 -0.27 11.49 2.39
CA LEU A 8 -0.18 11.14 0.98
C LEU A 8 -1.58 10.95 0.40
N SER A 9 -1.72 11.24 -0.90
CA SER A 9 -2.93 10.86 -1.65
C SER A 9 -2.51 9.79 -2.65
N LEU A 10 -2.99 8.57 -2.44
CA LEU A 10 -2.53 7.45 -3.29
C LEU A 10 -3.52 7.20 -4.43
N PRO A 11 -3.04 7.03 -5.66
CA PRO A 11 -3.94 6.66 -6.75
C PRO A 11 -4.44 5.22 -6.59
N VAL A 12 -5.76 5.03 -6.75
CA VAL A 12 -6.39 3.71 -6.64
C VAL A 12 -6.48 3.15 -8.05
N LEU A 13 -5.89 1.99 -8.28
CA LEU A 13 -5.81 1.36 -9.58
C LEU A 13 -6.68 0.13 -9.65
N GLN A 14 -7.25 -0.15 -10.83
CA GLN A 14 -7.92 -1.42 -11.03
CA GLN A 14 -7.93 -1.40 -11.09
C GLN A 14 -6.90 -2.49 -11.34
N VAL A 15 -7.13 -3.68 -10.78
CA VAL A 15 -6.12 -4.74 -10.84
C VAL A 15 -5.72 -5.09 -12.26
N ARG A 16 -6.69 -5.14 -13.18
CA ARG A 16 -6.34 -5.51 -14.56
C ARG A 16 -5.52 -4.47 -15.31
N ASP A 17 -5.42 -3.25 -14.81
CA ASP A 17 -4.57 -2.24 -15.44
C ASP A 17 -3.12 -2.30 -14.96
N VAL A 18 -2.83 -2.95 -13.83
CA VAL A 18 -1.51 -2.82 -13.20
C VAL A 18 -0.46 -3.52 -14.06
N LEU A 19 0.59 -2.79 -14.40
CA LEU A 19 1.64 -3.36 -15.25
C LEU A 19 2.72 -4.08 -14.46
N VAL A 20 3.08 -3.56 -13.29
CA VAL A 20 4.13 -4.13 -12.45
C VAL A 20 3.44 -4.63 -11.17
N ARG A 21 3.27 -5.95 -11.01
CA ARG A 21 2.29 -6.50 -10.09
C ARG A 21 2.82 -6.77 -8.69
N GLY A 22 3.98 -6.27 -8.35
CA GLY A 22 4.53 -6.37 -7.00
C GLY A 22 5.84 -5.60 -6.96
N PHE A 23 6.45 -5.60 -5.78
CA PHE A 23 7.65 -4.82 -5.51
C PHE A 23 8.92 -5.65 -5.48
N GLY A 24 8.83 -6.97 -5.56
CA GLY A 24 10.07 -7.72 -5.40
C GLY A 24 9.87 -9.15 -4.97
N ASP A 25 10.93 -9.76 -4.46
CA ASP A 25 10.95 -11.22 -4.28
C ASP A 25 11.13 -11.69 -2.83
N SER A 26 11.22 -10.78 -1.88
CA SER A 26 11.36 -11.15 -0.46
C SER A 26 10.58 -10.15 0.39
N VAL A 27 10.26 -10.55 1.60
CA VAL A 27 9.53 -9.66 2.50
C VAL A 27 10.32 -8.37 2.69
N GLU A 28 11.61 -8.48 2.98
CA GLU A 28 12.38 -7.28 3.24
C GLU A 28 12.49 -6.40 2.01
N GLU A 29 12.62 -7.01 0.84
CA GLU A 29 12.73 -6.21 -0.41
C GLU A 29 11.40 -5.49 -0.70
N VAL A 30 10.29 -6.17 -0.55
CA VAL A 30 9.01 -5.51 -0.95
C VAL A 30 8.68 -4.36 0.02
N LEU A 31 8.99 -4.51 1.31
CA LEU A 31 8.76 -3.40 2.23
C LEU A 31 9.68 -2.23 1.88
N SER A 32 10.95 -2.51 1.58
CA SER A 32 11.91 -1.48 1.22
C SER A 32 11.48 -0.73 -0.04
N GLU A 33 11.15 -1.49 -1.10
CA GLU A 33 10.76 -0.91 -2.37
C GLU A 33 9.45 -0.13 -2.23
N ALA A 34 8.49 -0.65 -1.45
CA ALA A 34 7.24 0.09 -1.25
C ALA A 34 7.52 1.43 -0.62
N ARG A 35 8.36 1.44 0.43
CA ARG A 35 8.70 2.70 1.08
C ARG A 35 9.39 3.68 0.12
N GLN A 36 10.30 3.18 -0.73
CA GLN A 36 10.96 4.06 -1.71
C GLN A 36 9.98 4.63 -2.73
N HIS A 37 9.05 3.81 -3.22
CA HIS A 37 8.08 4.31 -4.20
C HIS A 37 7.11 5.30 -3.55
N LEU A 38 6.75 5.08 -2.29
CA LEU A 38 5.90 6.05 -1.60
C LEU A 38 6.62 7.41 -1.50
N LYS A 39 7.90 7.40 -1.15
CA LYS A 39 8.70 8.61 -1.10
C LYS A 39 8.79 9.29 -2.48
N ASP A 40 8.84 8.52 -3.56
CA ASP A 40 9.03 9.07 -4.89
C ASP A 40 7.72 9.43 -5.59
N GLY A 41 6.58 9.15 -4.98
CA GLY A 41 5.30 9.42 -5.60
C GLY A 41 4.93 8.46 -6.71
N THR A 42 5.45 7.23 -6.66
CA THR A 42 5.26 6.24 -7.73
C THR A 42 4.67 4.94 -7.16
N CYS A 43 3.73 5.09 -6.22
CA CYS A 43 3.05 3.97 -5.58
C CYS A 43 1.55 4.09 -5.77
N GLY A 44 0.90 3.00 -6.19
CA GLY A 44 -0.54 2.94 -6.27
C GLY A 44 -1.12 1.96 -5.26
N LEU A 45 -2.44 2.00 -5.18
CA LEU A 45 -3.19 1.12 -4.25
CA LEU A 45 -3.20 1.13 -4.25
C LEU A 45 -4.34 0.36 -5.00
N VAL A 46 -4.38 -0.94 -4.80
CA VAL A 46 -5.47 -1.78 -5.34
C VAL A 46 -6.34 -2.23 -4.17
N GLU A 47 -7.65 -1.97 -4.27
CA GLU A 47 -8.58 -2.40 -3.23
C GLU A 47 -8.81 -3.90 -3.39
N VAL A 48 -8.81 -4.61 -2.26
CA VAL A 48 -8.93 -6.06 -2.28
C VAL A 48 -10.39 -6.49 -2.38
N GLU A 49 -10.69 -7.29 -3.40
CA GLU A 49 -11.96 -7.95 -3.59
C GLU A 49 -11.62 -9.38 -4.03
N LYS A 50 -12.64 -10.23 -4.11
CA LYS A 50 -12.42 -11.59 -4.62
C LYS A 50 -11.72 -11.53 -5.99
N GLY A 51 -10.70 -12.38 -6.17
CA GLY A 51 -9.94 -12.44 -7.40
C GLY A 51 -8.75 -11.51 -7.50
N VAL A 52 -8.60 -10.56 -6.59
CA VAL A 52 -7.52 -9.58 -6.74
C VAL A 52 -6.17 -10.19 -6.41
N LEU A 53 -6.03 -10.74 -5.20
CA LEU A 53 -4.71 -11.23 -4.80
C LEU A 53 -4.14 -12.28 -5.74
N PRO A 54 -4.90 -13.26 -6.25
CA PRO A 54 -4.32 -14.20 -7.22
C PRO A 54 -3.86 -13.56 -8.52
N GLN A 55 -4.24 -12.32 -8.82
CA GLN A 55 -3.78 -11.60 -10.00
C GLN A 55 -2.58 -10.72 -9.71
N LEU A 56 -2.06 -10.72 -8.49
CA LEU A 56 -0.89 -9.93 -8.10
C LEU A 56 0.21 -10.89 -7.67
N GLU A 57 1.41 -10.36 -7.44
CA GLU A 57 2.58 -11.19 -7.18
C GLU A 57 2.98 -11.13 -5.71
N GLN A 58 3.24 -12.29 -5.12
CA GLN A 58 3.75 -12.33 -3.76
C GLN A 58 5.26 -12.10 -3.74
N PRO A 59 5.85 -11.64 -2.62
CA PRO A 59 5.13 -11.17 -1.45
C PRO A 59 4.26 -9.93 -1.64
N TYR A 60 3.14 -9.85 -0.92
CA TYR A 60 2.26 -8.69 -0.99
C TYR A 60 2.68 -7.65 0.03
N VAL A 61 2.39 -6.38 -0.27
CA VAL A 61 2.56 -5.28 0.71
C VAL A 61 1.16 -4.68 0.92
N PHE A 62 0.63 -4.79 2.13
CA PHE A 62 -0.68 -4.18 2.44
C PHE A 62 -0.53 -2.89 3.25
N ILE A 63 -1.45 -1.94 3.07
CA ILE A 63 -1.53 -0.80 4.01
C ILE A 63 -2.71 -1.16 4.92
N LYS A 64 -2.48 -1.08 6.22
CA LYS A 64 -3.52 -1.45 7.20
C LYS A 64 -3.74 -0.29 8.18
N ARG A 65 -4.96 -0.20 8.70
CA ARG A 65 -5.31 0.90 9.62
C ARG A 65 -4.56 0.72 10.95
N SER A 66 -3.90 1.78 11.38
CA SER A 66 -3.10 1.69 12.61
C SER A 66 -3.78 2.26 13.85
N ASP A 67 -4.85 3.04 13.75
CA ASP A 67 -5.57 3.52 14.99
C ASP A 67 -7.06 3.82 14.75
N ALA A 68 -7.75 4.50 15.67
CA ALA A 68 -9.22 4.69 15.56
C ALA A 68 -9.72 6.13 15.71
N ARG A 69 -8.93 7.03 16.26
CA ARG A 69 -9.43 8.43 16.31
C ARG A 69 -8.52 9.37 15.50
N THR A 70 -7.47 8.80 14.93
CA THR A 70 -6.55 9.63 14.16
C THR A 70 -6.95 9.64 12.70
N ALA A 71 -7.79 10.59 12.29
CA ALA A 71 -8.01 10.77 10.85
C ALA A 71 -7.67 12.22 10.61
N PRO A 72 -6.48 12.67 11.03
CA PRO A 72 -6.17 14.08 10.98
C PRO A 72 -6.24 14.60 9.58
N HIS A 73 -6.85 15.76 9.43
CA HIS A 73 -6.87 16.44 8.11
C HIS A 73 -7.52 15.52 7.06
N GLY A 74 -8.37 14.58 7.48
CA GLY A 74 -9.09 13.72 6.52
C GLY A 74 -8.28 12.55 5.99
N HIS A 75 -7.16 12.22 6.63
CA HIS A 75 -6.27 11.13 6.17
C HIS A 75 -6.23 9.99 7.19
N VAL A 76 -6.56 8.78 6.78
CA VAL A 76 -6.60 7.61 7.70
C VAL A 76 -5.17 7.21 8.05
N MET A 77 -4.88 7.04 9.34
CA MET A 77 -3.53 6.57 9.77
CA MET A 77 -3.52 6.57 9.76
C MET A 77 -3.29 5.06 9.42
N VAL A 78 -2.15 4.85 8.76
CA VAL A 78 -1.89 3.49 8.21
C VAL A 78 -0.43 3.07 8.39
N GLU A 79 -0.20 1.77 8.31
CA GLU A 79 1.18 1.25 8.36
C GLU A 79 1.31 0.08 7.35
N LEU A 80 2.54 -0.29 7.04
CA LEU A 80 2.80 -1.38 6.06
C LEU A 80 2.94 -2.75 6.73
N VAL A 81 2.39 -3.77 6.10
CA VAL A 81 2.50 -5.16 6.54
C VAL A 81 2.66 -6.02 5.30
N ALA A 82 3.67 -6.89 5.29
CA ALA A 82 3.93 -7.79 4.17
C ALA A 82 3.41 -9.19 4.44
N GLU A 83 3.10 -9.91 3.36
CA GLU A 83 2.60 -11.28 3.45
C GLU A 83 3.28 -12.17 2.43
N LEU A 84 3.73 -13.35 2.86
CA LEU A 84 4.32 -14.35 1.98
C LEU A 84 3.88 -15.74 2.43
N GLU A 85 3.29 -16.49 1.52
CA GLU A 85 2.84 -17.87 1.79
C GLU A 85 2.01 -17.95 3.08
N GLY A 86 1.13 -16.97 3.25
CA GLY A 86 0.15 -17.01 4.31
C GLY A 86 0.64 -16.53 5.65
N ILE A 87 1.89 -16.06 5.75
CA ILE A 87 2.44 -15.52 6.98
C ILE A 87 2.62 -14.01 6.81
N GLN A 88 2.25 -13.27 7.83
CA GLN A 88 2.31 -11.81 7.86
C GLN A 88 3.44 -11.31 8.73
N TYR A 89 4.03 -10.22 8.28
CA TYR A 89 5.20 -9.63 8.90
C TYR A 89 4.75 -8.23 9.27
N GLY A 90 4.39 -8.06 10.53
CA GLY A 90 3.65 -6.98 11.14
C GLY A 90 2.27 -7.45 11.63
N ARG A 91 1.73 -6.74 12.63
CA ARG A 91 0.34 -6.92 13.02
C ARG A 91 -0.33 -5.55 13.07
N SER A 92 -1.51 -5.43 12.50
CA SER A 92 -2.15 -4.12 12.38
C SER A 92 -3.65 -4.32 12.20
N GLY A 93 -4.34 -3.23 11.83
CA GLY A 93 -5.79 -3.23 11.68
C GLY A 93 -6.26 -3.67 10.32
N GLU A 94 -7.43 -3.17 9.96
CA GLU A 94 -8.09 -3.56 8.69
C GLU A 94 -7.30 -3.10 7.45
N THR A 95 -7.32 -3.95 6.43
CA THR A 95 -6.63 -3.65 5.17
C THR A 95 -7.35 -2.62 4.37
N LEU A 96 -6.66 -1.57 3.92
CA LEU A 96 -7.25 -0.57 3.00
C LEU A 96 -6.99 -1.03 1.55
N GLY A 97 -5.89 -1.75 1.37
CA GLY A 97 -5.59 -2.29 0.03
C GLY A 97 -4.18 -2.82 -0.07
N VAL A 98 -3.81 -3.23 -1.28
CA VAL A 98 -2.49 -3.74 -1.59
C VAL A 98 -1.73 -2.71 -2.42
N LEU A 99 -0.49 -2.46 -2.03
CA LEU A 99 0.34 -1.47 -2.73
C LEU A 99 1.06 -2.10 -3.93
N VAL A 100 1.15 -1.33 -5.02
CA VAL A 100 1.87 -1.77 -6.21
C VAL A 100 2.62 -0.56 -6.78
N PRO A 101 3.66 -0.81 -7.56
CA PRO A 101 4.25 0.30 -8.31
C PRO A 101 3.21 0.97 -9.20
N HIS A 102 3.34 2.28 -9.36
CA HIS A 102 2.54 3.05 -10.31
C HIS A 102 3.45 3.52 -11.43
N VAL A 103 3.11 3.12 -12.65
CA VAL A 103 3.92 3.48 -13.81
C VAL A 103 3.05 4.16 -14.87
N GLY A 104 2.10 4.98 -14.46
CA GLY A 104 1.32 5.76 -15.41
C GLY A 104 -0.09 5.27 -15.65
N GLU A 105 -0.52 4.19 -15.00
CA GLU A 105 -1.91 3.76 -15.11
C GLU A 105 -2.87 4.85 -14.65
N ILE A 106 -4.05 4.91 -15.28
CA ILE A 106 -5.05 5.91 -14.93
C ILE A 106 -5.85 5.42 -13.73
N PRO A 107 -5.88 6.16 -12.62
CA PRO A 107 -6.60 5.71 -11.42
C PRO A 107 -8.12 5.92 -11.54
N VAL A 108 -8.84 5.27 -10.63
CA VAL A 108 -10.29 5.44 -10.51
C VAL A 108 -10.69 6.30 -9.32
N ALA A 109 -9.75 6.65 -8.46
CA ALA A 109 -10.02 7.41 -7.24
C ALA A 109 -8.67 7.65 -6.57
N TYR A 110 -8.69 8.42 -5.49
CA TYR A 110 -7.54 8.66 -4.64
C TYR A 110 -7.91 8.35 -3.20
N ARG A 111 -6.96 7.78 -2.48
CA ARG A 111 -7.15 7.39 -1.09
C ARG A 111 -6.17 8.21 -0.26
N LYS A 112 -6.72 9.04 0.64
CA LYS A 112 -5.89 9.88 1.49
C LYS A 112 -5.48 9.11 2.74
N VAL A 113 -4.17 9.09 2.95
CA VAL A 113 -3.65 8.31 4.11
C VAL A 113 -2.58 9.13 4.85
N LEU A 114 -2.41 8.82 6.11
CA LEU A 114 -1.33 9.36 6.92
C LEU A 114 -0.45 8.16 7.24
N LEU A 115 0.68 8.07 6.55
CA LEU A 115 1.46 6.84 6.54
C LEU A 115 2.59 6.88 7.55
N ARG A 116 2.64 5.87 8.39
CA ARG A 116 3.78 5.72 9.29
C ARG A 116 4.97 5.27 8.46
N LYS A 117 6.02 6.08 8.41
CA LYS A 117 7.11 5.79 7.45
C LYS A 117 7.78 4.45 7.77
N ASN A 118 8.25 4.30 9.02
CA ASN A 118 8.76 2.99 9.45
C ASN A 118 7.81 2.37 10.46
C2 EQT B . 8.31 5.94 3.49
C2 EQT B . 7.75 8.78 2.42
N4 EQT B . 10.32 6.29 4.22
N4 EQT B . 9.50 10.00 2.81
C5 EQT B . 9.93 7.48 3.69
C5 EQT B . 9.82 8.78 3.29
C6 EQT B . 10.59 8.70 3.61
C6 EQT B . 10.98 8.31 3.92
C7 EQT B . 9.92 9.75 3.02
C7 EQT B . 10.99 6.99 4.31
C8 EQT B . 8.63 9.60 2.54
C8 EQT B . 9.91 6.15 4.10
C11 EQT B . 8.63 7.30 3.21
C11 EQT B . 8.71 7.94 3.06
N1 EQT B . 7.21 5.22 3.25
N1 EQT B . 6.52 8.51 1.97
N3 EQT B . 9.35 5.36 4.10
N3 EQT B . 8.24 10.01 2.28
C9 EQT B . 7.99 8.40 2.62
C9 EQT B . 8.79 6.61 3.48
CL1 EQT B . 6.37 8.25 2.00
CL1 EQT B . 7.44 5.54 3.22
#